data_7A40
#
_entry.id   7A40
#
_cell.length_a   42.770
_cell.length_b   155.180
_cell.length_c   63.720
_cell.angle_alpha   90.000
_cell.angle_beta   108.970
_cell.angle_gamma   90.000
#
_symmetry.space_group_name_H-M   'P 1 21 1'
#
loop_
_entity.id
_entity.type
_entity.pdbx_description
1 polymer 'Osmotic avoidance abnormal protein 3'
2 non-polymer GLYCEROL
3 non-polymer 'SULFATE ION'
4 water water
#
_entity_poly.entity_id   1
_entity_poly.type   'polypeptide(L)'
_entity_poly.pdbx_seq_one_letter_code
;MAAESVRVAVRCRPFNQREKDLNTTLCVGMTPNVGQVNLNAPDGAAKDFTFDGAYFMDSTGEQIYNDIVFPLVENVIEGY
NGTVFAYGQTGSGKTFSMQGIETIPAQRGVIPRAFDHIFTATATTENVKFLVHCSYLEIYNEEVRDLLGADNKQKLEIKE
QPDRGVYVAGLSMHVCHDVPACKELMTRGFNNRHVGATLMNKDSSRSHSIFTVYVEGMTETGSIRMGKLNLVDLAGSERQ
SKTGATGDRLKEATKINLSLSALGNVISALVDGKSKHIPYRDSKLTRLLQDSLGGNTKTIMIACVSPSSDNYDETLSTLR
YANRAKNIKNKPTINEDPLEHHHHHH
;
_entity_poly.pdbx_strand_id   A,B
#
loop_
_chem_comp.id
_chem_comp.type
_chem_comp.name
_chem_comp.formula
GOL non-polymer GLYCEROL 'C3 H8 O3'
SO4 non-polymer 'SULFATE ION' 'O4 S -2'
#
# COMPACT_ATOMS: atom_id res chain seq x y z
N MET A 1 26.75 -29.68 11.95
CA MET A 1 28.20 -29.49 11.81
C MET A 1 28.58 -28.77 10.52
N ALA A 2 27.79 -28.99 9.45
CA ALA A 2 28.09 -28.51 8.11
C ALA A 2 27.43 -27.18 7.72
N ALA A 3 27.99 -26.52 6.68
CA ALA A 3 27.49 -25.28 6.11
C ALA A 3 26.07 -25.49 5.63
N GLU A 4 25.19 -24.56 5.98
CA GLU A 4 23.80 -24.68 5.62
C GLU A 4 23.28 -23.31 5.21
N SER A 5 22.82 -23.20 3.95
CA SER A 5 22.26 -21.94 3.49
C SER A 5 20.90 -21.66 4.12
N VAL A 6 20.44 -20.40 4.04
CA VAL A 6 19.18 -19.99 4.61
C VAL A 6 18.04 -20.50 3.75
N ARG A 7 17.09 -21.24 4.35
CA ARG A 7 15.91 -21.69 3.61
C ARG A 7 14.96 -20.50 3.43
N VAL A 8 14.47 -20.31 2.21
CA VAL A 8 13.60 -19.18 1.89
C VAL A 8 12.32 -19.67 1.26
N ALA A 9 11.20 -19.25 1.81
CA ALA A 9 9.91 -19.58 1.26
C ALA A 9 9.15 -18.30 1.03
N VAL A 10 8.44 -18.22 -0.11
CA VAL A 10 7.61 -17.07 -0.37
C VAL A 10 6.14 -17.43 -0.10
N ARG A 11 5.39 -16.54 0.57
CA ARG A 11 3.98 -16.79 0.83
C ARG A 11 3.18 -15.62 0.29
N CYS A 12 2.41 -15.83 -0.78
CA CYS A 12 1.56 -14.80 -1.33
C CYS A 12 0.21 -14.83 -0.61
N ARG A 13 -0.18 -13.70 -0.01
CA ARG A 13 -1.46 -13.63 0.69
C ARG A 13 -2.62 -13.56 -0.30
N PRO A 14 -3.85 -13.98 0.05
CA PRO A 14 -4.98 -13.81 -0.91
C PRO A 14 -5.35 -12.31 -1.03
N PHE A 15 -6.14 -11.94 -2.05
CA PHE A 15 -6.62 -10.56 -2.18
C PHE A 15 -7.40 -10.12 -0.95
N ASN A 16 -7.54 -8.82 -0.73
CA ASN A 16 -8.27 -8.33 0.41
C ASN A 16 -9.60 -7.71 -0.07
N GLN A 17 -10.52 -7.45 0.85
CA GLN A 17 -11.84 -6.92 0.38
C GLN A 17 -11.56 -5.78 -0.60
N ARG A 18 -10.77 -4.79 -0.20
CA ARG A 18 -10.51 -3.59 -1.01
C ARG A 18 -9.87 -3.90 -2.37
N GLU A 19 -8.85 -4.78 -2.41
CA GLU A 19 -8.27 -5.21 -3.68
C GLU A 19 -9.35 -5.84 -4.60
N LYS A 20 -10.32 -6.61 -4.02
CA LYS A 20 -11.44 -7.16 -4.80
C LYS A 20 -12.38 -6.07 -5.27
N ASP A 21 -12.64 -5.06 -4.41
CA ASP A 21 -13.58 -3.98 -4.83
C ASP A 21 -12.98 -3.11 -5.95
N LEU A 22 -11.72 -2.69 -5.80
CA LEU A 22 -10.96 -1.94 -6.80
C LEU A 22 -10.84 -2.71 -8.13
N ASN A 23 -11.01 -4.04 -8.12
CA ASN A 23 -10.90 -4.88 -9.32
C ASN A 23 -9.43 -4.90 -9.75
N THR A 24 -8.59 -5.23 -8.79
CA THR A 24 -7.15 -5.30 -8.90
C THR A 24 -6.72 -6.59 -9.61
N THR A 25 -5.67 -6.47 -10.41
CA THR A 25 -5.16 -7.56 -11.20
C THR A 25 -4.17 -8.34 -10.40
N LEU A 26 -4.28 -9.67 -10.49
CA LEU A 26 -3.36 -10.62 -9.87
C LEU A 26 -2.09 -10.58 -10.69
N CYS A 27 -1.05 -9.96 -10.16
CA CYS A 27 0.23 -9.90 -10.88
C CYS A 27 1.23 -10.99 -10.42
N VAL A 28 0.91 -11.77 -9.38
CA VAL A 28 1.82 -12.80 -8.88
C VAL A 28 1.42 -14.21 -9.33
N GLY A 29 2.40 -15.00 -9.74
CA GLY A 29 2.17 -16.36 -10.17
C GLY A 29 3.07 -17.36 -9.47
N MET A 30 2.55 -18.57 -9.19
CA MET A 30 3.34 -19.60 -8.54
C MET A 30 3.15 -20.97 -9.13
N THR A 31 4.20 -21.79 -9.03
CA THR A 31 4.21 -23.20 -9.40
C THR A 31 4.95 -23.81 -8.23
N PRO A 32 4.23 -24.22 -7.17
CA PRO A 32 4.90 -24.70 -5.96
C PRO A 32 5.73 -25.97 -6.12
N ASN A 33 5.51 -26.73 -7.18
CA ASN A 33 6.23 -27.97 -7.44
C ASN A 33 7.73 -27.80 -7.50
N VAL A 34 8.18 -26.66 -8.00
CA VAL A 34 9.61 -26.36 -8.09
C VAL A 34 9.97 -25.04 -7.37
N GLY A 35 9.09 -24.55 -6.49
CA GLY A 35 9.26 -23.32 -5.73
C GLY A 35 9.35 -22.09 -6.59
N GLN A 36 8.72 -22.12 -7.77
CA GLN A 36 8.76 -21.00 -8.73
C GLN A 36 7.80 -19.84 -8.43
N VAL A 37 8.33 -18.61 -8.48
CA VAL A 37 7.56 -17.38 -8.29
C VAL A 37 7.76 -16.43 -9.49
N ASN A 38 6.67 -16.06 -10.18
CA ASN A 38 6.77 -15.11 -11.28
C ASN A 38 6.01 -13.84 -10.96
N LEU A 39 6.56 -12.71 -11.41
CA LEU A 39 5.91 -11.43 -11.23
C LEU A 39 5.67 -10.79 -12.59
N ASN A 40 4.40 -10.62 -12.93
CA ASN A 40 3.97 -10.08 -14.22
C ASN A 40 3.79 -8.58 -14.15
N ALA A 41 4.40 -7.86 -15.11
CA ALA A 41 4.24 -6.40 -15.20
C ALA A 41 2.90 -6.06 -15.87
N PRO A 42 2.40 -4.81 -15.80
CA PRO A 42 1.09 -4.50 -16.41
C PRO A 42 0.93 -4.95 -17.86
N ASP A 43 2.00 -4.87 -18.67
CA ASP A 43 1.95 -5.31 -20.07
C ASP A 43 1.83 -6.85 -20.19
N GLY A 44 2.46 -7.56 -19.28
CA GLY A 44 2.47 -9.02 -19.24
C GLY A 44 3.84 -9.61 -18.91
N ALA A 45 4.92 -8.86 -19.22
CA ALA A 45 6.32 -9.24 -19.02
C ALA A 45 6.59 -9.79 -17.62
N ALA A 46 6.93 -11.09 -17.55
CA ALA A 46 7.19 -11.78 -16.31
C ALA A 46 8.65 -11.73 -15.90
N LYS A 47 8.87 -11.76 -14.57
CA LYS A 47 10.16 -11.82 -13.89
C LYS A 47 10.13 -13.15 -13.16
N ASP A 48 11.11 -14.03 -13.39
CA ASP A 48 11.11 -15.35 -12.74
C ASP A 48 12.12 -15.50 -11.61
N PHE A 49 11.70 -16.14 -10.50
CA PHE A 49 12.50 -16.39 -9.31
C PHE A 49 12.29 -17.82 -8.81
N THR A 50 13.35 -18.48 -8.30
CA THR A 50 13.18 -19.81 -7.71
C THR A 50 13.46 -19.76 -6.22
N PHE A 51 12.55 -20.30 -5.39
CA PHE A 51 12.68 -20.39 -3.93
C PHE A 51 12.57 -21.84 -3.43
N ASP A 52 12.79 -22.07 -2.12
CA ASP A 52 12.65 -23.42 -1.55
C ASP A 52 11.19 -23.78 -1.25
N GLY A 53 10.32 -22.78 -1.18
CA GLY A 53 8.90 -22.95 -0.96
C GLY A 53 8.14 -21.82 -1.62
N ALA A 54 7.03 -22.13 -2.28
CA ALA A 54 6.16 -21.12 -2.87
C ALA A 54 4.78 -21.43 -2.31
N TYR A 55 4.14 -20.46 -1.65
CA TYR A 55 2.82 -20.69 -1.09
C TYR A 55 1.84 -19.67 -1.64
N PHE A 56 0.91 -20.13 -2.48
CA PHE A 56 -0.03 -19.23 -3.14
C PHE A 56 -1.18 -18.79 -2.20
N MET A 57 -2.17 -18.03 -2.70
CA MET A 57 -3.29 -17.47 -1.93
C MET A 57 -4.14 -18.52 -1.17
N ASP A 58 -4.07 -19.78 -1.58
CA ASP A 58 -4.84 -20.85 -0.94
C ASP A 58 -4.05 -21.63 0.16
N SER A 59 -2.78 -21.26 0.39
CA SER A 59 -1.90 -21.91 1.36
C SER A 59 -2.35 -21.71 2.79
N THR A 60 -1.98 -22.64 3.67
CA THR A 60 -2.30 -22.57 5.09
C THR A 60 -1.02 -22.51 5.90
N GLY A 61 -1.14 -22.00 7.12
CA GLY A 61 -0.02 -22.02 8.07
C GLY A 61 0.32 -23.44 8.48
N GLU A 62 -0.69 -24.36 8.40
CA GLU A 62 -0.58 -25.77 8.69
C GLU A 62 0.33 -26.46 7.70
N GLN A 63 0.26 -26.10 6.41
CA GLN A 63 1.13 -26.71 5.41
C GLN A 63 2.55 -26.10 5.44
N ILE A 64 2.69 -24.79 5.73
CA ILE A 64 4.05 -24.17 5.80
C ILE A 64 4.82 -24.73 6.99
N TYR A 65 4.12 -24.89 8.13
CA TYR A 65 4.71 -25.43 9.36
C TYR A 65 5.21 -26.86 9.10
N ASN A 66 4.35 -27.74 8.58
CA ASN A 66 4.72 -29.10 8.29
C ASN A 66 5.90 -29.22 7.33
N ASP A 67 5.92 -28.39 6.29
CA ASP A 67 7.01 -28.46 5.29
C ASP A 67 8.34 -27.87 5.77
N ILE A 68 8.30 -26.69 6.36
CA ILE A 68 9.50 -25.92 6.66
C ILE A 68 9.88 -25.80 8.14
N VAL A 69 8.93 -25.44 9.00
CA VAL A 69 9.17 -25.18 10.43
C VAL A 69 9.33 -26.47 11.31
N PHE A 70 8.46 -27.47 11.13
CA PHE A 70 8.50 -28.74 11.85
C PHE A 70 9.90 -29.38 11.90
N PRO A 71 10.65 -29.54 10.77
CA PRO A 71 11.98 -30.15 10.87
C PRO A 71 12.97 -29.24 11.59
N LEU A 72 12.76 -27.91 11.57
CA LEU A 72 13.64 -26.98 12.27
C LEU A 72 13.42 -27.08 13.77
N VAL A 73 12.15 -27.22 14.22
CA VAL A 73 11.79 -27.36 15.62
C VAL A 73 12.29 -28.70 16.17
N GLU A 74 12.32 -29.76 15.36
CA GLU A 74 12.92 -31.03 15.73
C GLU A 74 14.43 -30.82 15.92
N ASN A 75 15.06 -30.10 15.02
CA ASN A 75 16.47 -29.70 15.11
C ASN A 75 16.74 -28.94 16.39
N VAL A 76 15.88 -27.94 16.75
CA VAL A 76 16.00 -27.17 18.00
C VAL A 76 15.95 -28.10 19.20
N ILE A 77 14.96 -29.00 19.25
CA ILE A 77 14.82 -29.97 20.32
C ILE A 77 16.08 -30.87 20.46
N GLU A 78 16.84 -31.09 19.38
CA GLU A 78 18.10 -31.86 19.39
C GLU A 78 19.32 -31.02 19.88
N GLY A 79 19.14 -29.73 20.13
CA GLY A 79 20.21 -28.88 20.63
C GLY A 79 20.74 -27.87 19.63
N TYR A 80 19.97 -27.59 18.56
CA TYR A 80 20.35 -26.62 17.53
C TYR A 80 19.68 -25.28 17.75
N ASN A 81 20.33 -24.20 17.28
CA ASN A 81 19.70 -22.89 17.24
C ASN A 81 18.86 -22.82 15.92
N GLY A 82 17.68 -22.23 16.01
CA GLY A 82 16.82 -22.06 14.86
C GLY A 82 16.20 -20.68 14.85
N THR A 83 16.13 -20.07 13.68
CA THR A 83 15.54 -18.73 13.54
C THR A 83 14.55 -18.76 12.39
N VAL A 84 13.37 -18.24 12.62
CA VAL A 84 12.35 -18.09 11.62
C VAL A 84 11.95 -16.63 11.70
N PHE A 85 12.01 -15.92 10.57
CA PHE A 85 11.55 -14.55 10.57
C PHE A 85 10.68 -14.23 9.36
N ALA A 86 9.72 -13.32 9.54
CA ALA A 86 8.84 -12.93 8.46
C ALA A 86 9.34 -11.62 7.84
N TYR A 87 9.44 -11.57 6.49
CA TYR A 87 9.91 -10.39 5.77
C TYR A 87 8.88 -9.96 4.72
N GLY A 88 8.61 -8.67 4.57
CA GLY A 88 7.63 -8.19 3.61
C GLY A 88 6.98 -6.88 3.99
N GLN A 89 6.35 -6.23 3.02
CA GLN A 89 5.73 -4.93 3.27
C GLN A 89 4.56 -5.02 4.25
N THR A 90 4.14 -3.89 4.83
CA THR A 90 2.98 -3.83 5.71
C THR A 90 1.75 -4.23 4.87
N GLY A 91 0.98 -5.17 5.39
CA GLY A 91 -0.16 -5.69 4.65
C GLY A 91 0.17 -7.03 4.01
N SER A 92 1.45 -7.30 3.67
CA SER A 92 1.83 -8.56 2.99
C SER A 92 1.44 -9.88 3.69
N GLY A 93 1.31 -9.91 5.00
CA GLY A 93 0.90 -11.12 5.70
C GLY A 93 1.84 -11.70 6.73
N LYS A 94 2.95 -10.97 7.04
CA LYS A 94 3.95 -11.34 8.07
C LYS A 94 3.34 -11.84 9.41
N THR A 95 2.45 -11.07 10.01
CA THR A 95 1.84 -11.45 11.28
C THR A 95 0.87 -12.62 11.12
N PHE A 96 0.18 -12.70 9.98
CA PHE A 96 -0.73 -13.81 9.72
C PHE A 96 0.05 -15.15 9.66
N SER A 97 1.27 -15.12 9.12
CA SER A 97 2.08 -16.33 9.05
C SER A 97 2.75 -16.64 10.40
N MET A 98 3.07 -15.62 11.20
CA MET A 98 3.74 -15.83 12.50
C MET A 98 2.74 -16.18 13.61
N GLN A 99 1.70 -15.37 13.79
CA GLN A 99 0.70 -15.62 14.82
C GLN A 99 -0.53 -16.35 14.25
N GLY A 100 -1.09 -15.85 13.16
CA GLY A 100 -2.23 -16.49 12.50
C GLY A 100 -3.54 -16.36 13.25
N ILE A 101 -4.54 -17.16 12.87
CA ILE A 101 -5.85 -17.09 13.50
C ILE A 101 -6.31 -18.42 14.08
N GLU A 102 -7.15 -18.36 15.12
CA GLU A 102 -7.68 -19.57 15.74
C GLU A 102 -9.16 -19.83 15.42
N THR A 103 -9.72 -19.14 14.41
CA THR A 103 -11.13 -19.40 14.02
C THR A 103 -11.23 -20.20 12.69
N ILE A 104 -10.12 -20.26 11.94
CA ILE A 104 -9.90 -21.09 10.76
C ILE A 104 -8.74 -21.95 11.25
N PRO A 105 -9.01 -23.23 11.54
CA PRO A 105 -7.99 -24.07 12.22
C PRO A 105 -6.66 -24.25 11.49
N ALA A 106 -6.69 -24.40 10.15
CA ALA A 106 -5.43 -24.58 9.40
C ALA A 106 -4.60 -23.29 9.28
N GLN A 107 -5.17 -22.14 9.69
CA GLN A 107 -4.47 -20.87 9.56
C GLN A 107 -3.82 -20.37 10.85
N ARG A 108 -3.58 -21.26 11.84
CA ARG A 108 -2.82 -20.92 13.05
C ARG A 108 -1.35 -20.71 12.56
N GLY A 109 -0.66 -19.72 13.11
CA GLY A 109 0.69 -19.37 12.68
C GLY A 109 1.81 -20.29 13.11
N VAL A 110 3.07 -19.95 12.78
CA VAL A 110 4.20 -20.80 13.19
C VAL A 110 4.50 -20.69 14.69
N ILE A 111 4.17 -19.55 15.35
CA ILE A 111 4.47 -19.35 16.77
C ILE A 111 3.65 -20.28 17.68
N PRO A 112 2.29 -20.30 17.65
CA PRO A 112 1.56 -21.24 18.52
C PRO A 112 1.74 -22.71 18.15
N ARG A 113 2.16 -22.97 16.90
CA ARG A 113 2.42 -24.32 16.44
C ARG A 113 3.74 -24.83 16.99
N ALA A 114 4.76 -23.96 17.07
CA ALA A 114 6.05 -24.31 17.65
C ALA A 114 5.86 -24.58 19.15
N PHE A 115 4.97 -23.83 19.83
CA PHE A 115 4.66 -24.09 21.23
C PHE A 115 4.05 -25.48 21.38
N ASP A 116 2.99 -25.80 20.60
CA ASP A 116 2.34 -27.12 20.73
C ASP A 116 3.32 -28.23 20.39
N HIS A 117 4.11 -28.03 19.34
CA HIS A 117 5.09 -29.00 18.89
C HIS A 117 6.16 -29.25 19.95
N ILE A 118 6.80 -28.20 20.47
CA ILE A 118 7.82 -28.36 21.51
C ILE A 118 7.27 -29.07 22.74
N PHE A 119 6.12 -28.62 23.26
CA PHE A 119 5.53 -29.24 24.45
C PHE A 119 5.08 -30.67 24.22
N THR A 120 4.66 -31.04 23.02
CA THR A 120 4.24 -32.41 22.71
C THR A 120 5.46 -33.31 22.54
N ALA A 121 6.49 -32.85 21.82
CA ALA A 121 7.69 -33.64 21.55
C ALA A 121 8.51 -33.85 22.82
N THR A 122 8.59 -32.83 23.68
CA THR A 122 9.32 -32.97 24.94
C THR A 122 8.59 -33.91 25.92
N ALA A 123 7.25 -33.97 25.83
CA ALA A 123 6.47 -34.89 26.67
C ALA A 123 6.56 -36.33 26.18
N THR A 124 6.87 -36.57 24.90
CA THR A 124 6.98 -37.95 24.40
C THR A 124 8.38 -38.53 24.64
N THR A 125 9.42 -37.68 24.76
CA THR A 125 10.79 -38.17 24.99
C THR A 125 11.09 -38.48 26.47
N GLU A 126 11.10 -39.79 26.80
CA GLU A 126 11.38 -40.34 28.12
C GLU A 126 12.88 -40.42 28.45
N ASN A 127 13.73 -40.34 27.42
CA ASN A 127 15.19 -40.42 27.59
C ASN A 127 15.89 -39.07 27.75
N VAL A 128 15.12 -37.98 27.81
CA VAL A 128 15.64 -36.63 27.96
C VAL A 128 14.62 -35.81 28.77
N LYS A 129 15.07 -35.10 29.82
CA LYS A 129 14.21 -34.19 30.58
C LYS A 129 14.38 -32.76 30.02
N PHE A 130 13.33 -31.91 30.05
CA PHE A 130 13.41 -30.60 29.39
C PHE A 130 12.96 -29.35 30.14
N LEU A 131 13.74 -28.27 30.00
CA LEU A 131 13.42 -26.99 30.61
C LEU A 131 13.18 -25.95 29.53
N VAL A 132 11.95 -25.46 29.47
CA VAL A 132 11.58 -24.47 28.46
C VAL A 132 11.48 -23.08 29.06
N HIS A 133 12.22 -22.14 28.48
CA HIS A 133 12.22 -20.73 28.86
C HIS A 133 11.75 -19.90 27.64
N CYS A 134 11.21 -18.72 27.88
CA CYS A 134 10.67 -17.88 26.81
C CYS A 134 10.94 -16.39 27.01
N SER A 135 11.67 -15.72 26.09
CA SER A 135 11.83 -14.27 26.17
C SER A 135 11.11 -13.55 24.99
N TYR A 136 10.81 -12.26 25.12
CA TYR A 136 10.09 -11.52 24.07
C TYR A 136 10.56 -10.07 24.05
N LEU A 137 11.22 -9.63 22.97
CA LEU A 137 11.71 -8.27 22.89
C LEU A 137 11.22 -7.51 21.65
N GLU A 138 11.28 -6.16 21.70
CA GLU A 138 10.87 -5.31 20.59
C GLU A 138 11.94 -4.23 20.36
N ILE A 139 12.23 -3.89 19.10
CA ILE A 139 13.21 -2.86 18.78
C ILE A 139 12.55 -1.71 18.00
N TYR A 140 12.09 -0.66 18.69
CA TYR A 140 11.45 0.48 18.05
C TYR A 140 12.41 1.64 18.10
N ASN A 141 12.74 2.26 16.95
CA ASN A 141 13.64 3.42 16.88
C ASN A 141 14.97 3.16 17.61
N GLU A 142 15.58 1.99 17.35
CA GLU A 142 16.82 1.51 17.96
C GLU A 142 16.77 1.35 19.49
N GLU A 143 15.56 1.33 20.07
CA GLU A 143 15.37 1.19 21.50
C GLU A 143 14.86 -0.21 21.77
N VAL A 144 15.73 -1.06 22.33
CA VAL A 144 15.39 -2.43 22.65
C VAL A 144 14.59 -2.43 23.94
N ARG A 145 13.44 -3.10 23.93
CA ARG A 145 12.58 -3.17 25.11
C ARG A 145 12.18 -4.60 25.40
N ASP A 146 11.99 -4.91 26.68
CA ASP A 146 11.59 -6.25 27.09
C ASP A 146 10.09 -6.25 27.34
N LEU A 147 9.33 -6.90 26.43
CA LEU A 147 7.88 -6.99 26.52
C LEU A 147 7.37 -7.82 27.72
N LEU A 148 8.27 -8.48 28.45
CA LEU A 148 7.89 -9.31 29.59
C LEU A 148 8.42 -8.78 30.94
N GLY A 149 9.40 -7.87 30.89
CA GLY A 149 10.08 -7.30 32.04
C GLY A 149 9.21 -6.43 32.93
N ALA A 150 9.73 -6.12 34.12
CA ALA A 150 9.06 -5.32 35.15
C ALA A 150 8.84 -3.86 34.78
N ASP A 151 9.61 -3.34 33.83
CA ASP A 151 9.50 -1.95 33.39
C ASP A 151 9.59 -2.02 31.88
N ASN A 152 8.45 -2.33 31.27
CA ASN A 152 8.21 -2.53 29.83
C ASN A 152 8.55 -1.33 28.95
N LYS A 153 8.78 -0.16 29.55
CA LYS A 153 9.13 1.06 28.85
C LYS A 153 10.55 1.50 29.22
N GLN A 154 11.49 0.54 29.26
CA GLN A 154 12.89 0.84 29.58
C GLN A 154 13.79 0.35 28.46
N LYS A 155 14.78 1.16 28.06
CA LYS A 155 15.69 0.78 26.99
C LYS A 155 16.76 -0.18 27.52
N LEU A 156 17.14 -1.20 26.73
CA LEU A 156 18.10 -2.19 27.19
C LEU A 156 19.44 -2.15 26.44
N GLU A 157 20.51 -2.55 27.13
CA GLU A 157 21.86 -2.60 26.56
C GLU A 157 22.21 -4.02 26.06
N ILE A 158 23.10 -4.12 25.05
CA ILE A 158 23.52 -5.39 24.47
C ILE A 158 24.99 -5.68 24.81
N LYS A 159 25.31 -6.92 25.21
CA LYS A 159 26.69 -7.30 25.54
C LYS A 159 27.12 -8.55 24.76
N GLU A 160 28.42 -8.68 24.46
CA GLU A 160 28.91 -9.84 23.71
C GLU A 160 30.13 -10.48 24.38
N VAL A 166 26.49 -12.93 22.17
CA VAL A 166 25.62 -11.75 22.10
C VAL A 166 24.33 -11.96 22.88
N TYR A 167 23.99 -10.99 23.74
CA TYR A 167 22.80 -11.07 24.58
C TYR A 167 22.24 -9.69 24.92
N VAL A 168 20.95 -9.63 25.27
CA VAL A 168 20.31 -8.38 25.69
C VAL A 168 20.42 -8.35 27.21
N ALA A 169 21.46 -7.67 27.74
CA ALA A 169 21.75 -7.60 29.18
C ALA A 169 20.61 -7.14 30.07
N GLY A 170 19.94 -8.09 30.69
CA GLY A 170 18.85 -7.80 31.61
C GLY A 170 17.46 -8.22 31.12
N LEU A 171 17.40 -9.01 30.05
CA LEU A 171 16.13 -9.47 29.51
C LEU A 171 15.61 -10.63 30.36
N SER A 172 14.32 -10.61 30.67
CA SER A 172 13.70 -11.64 31.52
C SER A 172 13.48 -12.95 30.77
N MET A 173 13.88 -14.07 31.38
CA MET A 173 13.66 -15.38 30.77
C MET A 173 12.64 -16.20 31.53
N HIS A 174 11.40 -16.15 31.07
CA HIS A 174 10.23 -16.79 31.69
C HIS A 174 10.13 -18.30 31.52
N VAL A 175 10.07 -19.04 32.63
CA VAL A 175 9.92 -20.49 32.58
C VAL A 175 8.51 -20.87 32.12
N CYS A 176 8.39 -21.90 31.28
CA CYS A 176 7.09 -22.37 30.82
C CYS A 176 6.95 -23.87 31.07
N HIS A 177 5.84 -24.29 31.68
CA HIS A 177 5.61 -25.70 32.01
C HIS A 177 4.63 -26.43 31.08
N ASP A 178 3.97 -25.68 30.18
CA ASP A 178 2.98 -26.19 29.22
C ASP A 178 2.69 -25.12 28.15
N VAL A 179 1.89 -25.45 27.12
CA VAL A 179 1.53 -24.50 26.06
C VAL A 179 0.80 -23.25 26.59
N PRO A 180 -0.21 -23.36 27.49
CA PRO A 180 -0.86 -22.14 28.03
C PRO A 180 0.09 -21.15 28.71
N ALA A 181 1.24 -21.60 29.24
CA ALA A 181 2.21 -20.69 29.85
C ALA A 181 2.89 -19.81 28.79
N CYS A 182 3.09 -20.35 27.57
CA CYS A 182 3.67 -19.63 26.44
C CYS A 182 2.65 -18.63 25.89
N LYS A 183 1.40 -19.08 25.76
CA LYS A 183 0.28 -18.28 25.27
C LYS A 183 -0.02 -17.08 26.19
N GLU A 184 0.27 -17.20 27.49
CA GLU A 184 0.07 -16.09 28.42
C GLU A 184 1.11 -14.98 28.15
N LEU A 185 2.35 -15.37 27.79
CA LEU A 185 3.42 -14.40 27.50
C LEU A 185 3.20 -13.69 26.18
N MET A 186 2.72 -14.40 25.14
CA MET A 186 2.47 -13.79 23.84
C MET A 186 1.35 -12.76 23.94
N THR A 187 0.27 -13.09 24.68
CA THR A 187 -0.87 -12.21 24.91
C THR A 187 -0.45 -10.94 25.68
N ARG A 188 0.25 -11.10 26.80
CA ARG A 188 0.74 -9.98 27.60
C ARG A 188 1.81 -9.14 26.89
N GLY A 189 2.55 -9.75 25.97
CA GLY A 189 3.60 -9.09 25.22
C GLY A 189 3.08 -8.18 24.14
N PHE A 190 1.91 -8.50 23.57
CA PHE A 190 1.29 -7.66 22.55
C PHE A 190 0.75 -6.36 23.16
N ASN A 191 0.29 -6.42 24.42
CA ASN A 191 -0.22 -5.25 25.14
C ASN A 191 0.89 -4.27 25.56
N ASN A 192 2.17 -4.70 25.51
CA ASN A 192 3.31 -3.85 25.84
C ASN A 192 3.99 -3.25 24.59
N ARG A 193 3.34 -3.33 23.40
CA ARG A 193 3.88 -2.78 22.16
C ARG A 193 3.90 -1.25 22.20
N HIS A 194 4.84 -0.62 21.47
CA HIS A 194 4.96 0.83 21.50
C HIS A 194 3.94 1.58 20.64
N VAL A 195 3.30 2.60 21.24
CA VAL A 195 2.30 3.46 20.61
C VAL A 195 2.84 4.89 20.46
N GLY A 196 3.54 5.37 21.49
CA GLY A 196 4.13 6.70 21.49
C GLY A 196 5.42 6.78 20.69
N SER A 204 2.41 -0.60 15.05
CA SER A 204 3.33 -1.74 14.97
C SER A 204 4.01 -1.89 13.60
N SER A 205 4.02 -0.80 12.79
CA SER A 205 4.57 -0.82 11.42
C SER A 205 6.08 -0.68 11.33
N ARG A 206 6.68 0.27 12.08
CA ARG A 206 8.12 0.49 11.98
C ARG A 206 8.98 -0.22 13.06
N SER A 207 8.37 -1.08 13.90
CA SER A 207 9.13 -1.80 14.92
C SER A 207 9.31 -3.30 14.55
N HIS A 208 10.32 -3.95 15.17
CA HIS A 208 10.62 -5.38 15.01
C HIS A 208 10.43 -6.09 16.36
N SER A 209 10.21 -7.41 16.37
CA SER A 209 10.04 -8.15 17.63
C SER A 209 10.57 -9.61 17.57
N ILE A 210 11.33 -10.03 18.61
CA ILE A 210 11.89 -11.38 18.68
C ILE A 210 11.31 -12.16 19.86
N PHE A 211 10.65 -13.30 19.59
CA PHE A 211 10.17 -14.15 20.67
C PHE A 211 11.07 -15.39 20.68
N THR A 212 11.80 -15.64 21.77
CA THR A 212 12.71 -16.79 21.83
C THR A 212 12.23 -17.88 22.78
N VAL A 213 12.38 -19.12 22.36
CA VAL A 213 12.01 -20.27 23.15
C VAL A 213 13.30 -21.05 23.30
N TYR A 214 13.73 -21.27 24.52
CA TYR A 214 14.95 -21.99 24.80
C TYR A 214 14.57 -23.37 25.27
N VAL A 215 15.18 -24.38 24.68
CA VAL A 215 14.90 -25.77 25.01
C VAL A 215 16.15 -26.42 25.56
N GLU A 216 16.20 -26.62 26.88
CA GLU A 216 17.34 -27.29 27.48
C GLU A 216 17.00 -28.76 27.70
N GLY A 217 17.78 -29.63 27.11
CA GLY A 217 17.57 -31.06 27.26
C GLY A 217 18.69 -31.76 28.00
N MET A 218 18.34 -32.46 29.09
CA MET A 218 19.30 -33.20 29.89
C MET A 218 19.19 -34.66 29.48
N THR A 219 20.25 -35.29 28.94
CA THR A 219 20.14 -36.68 28.48
C THR A 219 20.54 -37.71 29.53
N GLU A 220 20.19 -39.00 29.31
CA GLU A 220 20.55 -40.05 30.25
C GLU A 220 22.05 -40.27 30.32
N THR A 221 22.79 -40.07 29.23
CA THR A 221 24.27 -40.17 29.27
C THR A 221 24.84 -39.11 30.24
N GLY A 222 24.22 -37.93 30.25
CA GLY A 222 24.60 -36.87 31.16
C GLY A 222 24.80 -35.52 30.54
N SER A 223 24.99 -35.48 29.22
CA SER A 223 25.23 -34.24 28.51
C SER A 223 23.98 -33.37 28.39
N ILE A 224 24.19 -32.07 28.23
CA ILE A 224 23.09 -31.12 28.17
C ILE A 224 23.11 -30.36 26.86
N ARG A 225 22.00 -30.37 26.14
CA ARG A 225 21.91 -29.59 24.92
C ARG A 225 21.08 -28.34 25.15
N MET A 226 21.42 -27.27 24.44
CA MET A 226 20.74 -25.99 24.56
C MET A 226 20.50 -25.40 23.18
N GLY A 227 19.28 -25.54 22.74
CA GLY A 227 18.87 -24.98 21.47
C GLY A 227 17.83 -23.90 21.72
N LYS A 228 17.84 -22.86 20.89
CA LYS A 228 16.87 -21.79 21.01
C LYS A 228 16.19 -21.51 19.65
N LEU A 229 14.99 -20.97 19.70
CA LEU A 229 14.20 -20.69 18.54
C LEU A 229 13.81 -19.23 18.56
N ASN A 230 14.23 -18.48 17.55
CA ASN A 230 13.90 -17.08 17.44
C ASN A 230 12.76 -16.92 16.47
N LEU A 231 11.66 -16.35 16.95
CA LEU A 231 10.47 -16.11 16.15
C LEU A 231 10.42 -14.61 15.90
N VAL A 232 10.99 -14.17 14.77
CA VAL A 232 11.14 -12.77 14.40
C VAL A 232 10.06 -12.19 13.48
N ASP A 233 9.35 -11.14 13.93
CA ASP A 233 8.38 -10.45 13.10
C ASP A 233 9.02 -9.12 12.84
N LEU A 234 9.56 -8.93 11.64
CA LEU A 234 10.24 -7.70 11.27
C LEU A 234 9.26 -6.51 11.01
N ALA A 235 9.82 -5.31 10.80
CA ALA A 235 9.07 -4.11 10.45
C ALA A 235 8.72 -4.18 8.93
N GLY A 236 7.75 -3.38 8.49
CA GLY A 236 7.36 -3.32 7.09
C GLY A 236 8.52 -2.97 6.17
N SER A 237 8.71 -3.74 5.09
CA SER A 237 9.82 -3.53 4.17
C SER A 237 9.63 -2.38 3.14
N GLU A 238 8.50 -1.67 3.21
CA GLU A 238 8.21 -0.61 2.24
C GLU A 238 9.21 0.55 2.30
N ARG A 239 9.64 0.99 1.10
CA ARG A 239 10.58 2.09 0.88
C ARG A 239 10.03 3.35 1.55
N GLN A 240 10.78 3.85 2.58
CA GLN A 240 10.48 4.97 3.48
C GLN A 240 9.50 4.53 4.58
N LYS A 255 16.74 7.80 12.33
CA LYS A 255 17.17 6.40 12.37
C LYS A 255 16.02 5.43 12.70
N ILE A 256 14.80 5.71 12.19
CA ILE A 256 13.62 4.86 12.39
C ILE A 256 13.72 3.57 11.53
N ASN A 257 14.37 3.67 10.35
CA ASN A 257 14.56 2.55 9.44
C ASN A 257 16.01 2.03 9.41
N LEU A 258 16.81 2.38 10.44
CA LEU A 258 18.22 2.00 10.55
C LEU A 258 18.38 0.48 10.56
N SER A 259 17.62 -0.24 11.41
CA SER A 259 17.71 -1.71 11.51
C SER A 259 17.31 -2.42 10.23
N LEU A 260 16.34 -1.88 9.50
CA LEU A 260 15.91 -2.49 8.24
C LEU A 260 16.95 -2.29 7.15
N SER A 261 17.50 -1.08 7.05
CA SER A 261 18.53 -0.81 6.06
C SER A 261 19.80 -1.60 6.36
N ALA A 262 20.14 -1.74 7.65
CA ALA A 262 21.31 -2.49 8.06
C ALA A 262 21.14 -3.95 7.78
N LEU A 263 19.91 -4.48 7.93
CA LEU A 263 19.65 -5.88 7.63
C LEU A 263 19.95 -6.20 6.17
N GLY A 264 19.47 -5.36 5.27
CA GLY A 264 19.73 -5.51 3.83
C GLY A 264 21.20 -5.42 3.52
N ASN A 265 21.90 -4.44 4.13
CA ASN A 265 23.34 -4.27 3.97
C ASN A 265 24.09 -5.50 4.49
N VAL A 266 23.62 -6.11 5.59
CA VAL A 266 24.25 -7.29 6.17
C VAL A 266 24.08 -8.48 5.22
N ILE A 267 22.85 -8.70 4.71
CA ILE A 267 22.59 -9.77 3.75
C ILE A 267 23.42 -9.58 2.48
N SER A 268 23.52 -8.33 2.02
CA SER A 268 24.31 -7.95 0.86
C SER A 268 25.77 -8.29 1.08
N ALA A 269 26.33 -7.97 2.27
CA ALA A 269 27.73 -8.24 2.56
C ALA A 269 28.00 -9.74 2.64
N LEU A 270 27.03 -10.48 3.23
CA LEU A 270 27.08 -11.92 3.39
C LEU A 270 27.10 -12.67 2.05
N VAL A 271 26.35 -12.19 1.06
CA VAL A 271 26.28 -12.88 -0.23
C VAL A 271 27.14 -12.30 -1.36
N ASP A 272 27.55 -11.01 -1.30
CA ASP A 272 28.30 -10.41 -2.42
C ASP A 272 29.65 -11.07 -2.70
N GLY A 273 30.18 -11.83 -1.74
CA GLY A 273 31.43 -12.54 -1.89
C GLY A 273 32.69 -11.73 -1.63
N LYS A 274 32.63 -10.39 -1.77
CA LYS A 274 33.80 -9.54 -1.52
C LYS A 274 33.92 -9.13 -0.02
N SER A 275 32.77 -9.05 0.69
CA SER A 275 32.73 -8.61 2.08
C SER A 275 33.37 -9.56 3.08
N LYS A 276 34.63 -9.28 3.43
CA LYS A 276 35.36 -10.03 4.45
C LYS A 276 34.81 -9.69 5.86
N HIS A 277 34.42 -8.41 6.06
CA HIS A 277 33.88 -7.92 7.33
C HIS A 277 32.34 -7.69 7.26
N ILE A 278 31.54 -8.44 8.02
CA ILE A 278 30.07 -8.25 7.97
C ILE A 278 29.65 -7.14 8.96
N PRO A 279 28.97 -6.11 8.47
CA PRO A 279 28.62 -4.97 9.35
C PRO A 279 27.41 -5.15 10.28
N TYR A 280 27.45 -6.20 11.11
CA TYR A 280 26.42 -6.55 12.10
C TYR A 280 26.19 -5.47 13.16
N ARG A 281 27.25 -4.74 13.53
CA ARG A 281 27.20 -3.73 14.58
C ARG A 281 26.54 -2.42 14.17
N ASP A 282 25.91 -2.38 12.99
CA ASP A 282 25.32 -1.13 12.50
C ASP A 282 23.88 -0.88 12.97
N SER A 283 23.28 -1.81 13.69
CA SER A 283 21.94 -1.66 14.22
C SER A 283 21.70 -2.66 15.35
N LYS A 284 20.69 -2.39 16.19
CA LYS A 284 20.33 -3.27 17.29
C LYS A 284 19.77 -4.59 16.79
N LEU A 285 19.05 -4.59 15.66
CA LEU A 285 18.48 -5.82 15.12
C LEU A 285 19.55 -6.73 14.50
N THR A 286 20.51 -6.12 13.79
CA THR A 286 21.58 -6.90 13.17
C THR A 286 22.54 -7.46 14.19
N ARG A 287 22.80 -6.73 15.28
CA ARG A 287 23.69 -7.18 16.34
C ARG A 287 23.06 -8.42 17.01
N LEU A 288 21.76 -8.37 17.36
CA LEU A 288 21.10 -9.53 17.95
C LEU A 288 21.06 -10.74 17.02
N LEU A 289 20.49 -10.57 15.81
CA LEU A 289 20.35 -11.62 14.82
C LEU A 289 21.61 -12.00 14.04
N GLN A 290 22.76 -11.56 14.50
CA GLN A 290 24.05 -11.85 13.90
C GLN A 290 24.34 -13.38 13.82
N ASP A 291 24.00 -14.14 14.87
CA ASP A 291 24.21 -15.59 14.83
C ASP A 291 23.23 -16.29 13.87
N SER A 292 22.09 -15.65 13.59
CA SER A 292 21.09 -16.18 12.67
C SER A 292 21.38 -15.87 11.19
N LEU A 293 22.37 -14.98 10.93
CA LEU A 293 22.80 -14.57 9.60
C LEU A 293 24.29 -14.79 9.45
N GLY A 294 24.68 -16.01 9.14
CA GLY A 294 26.08 -16.36 8.94
C GLY A 294 26.66 -17.24 10.04
N GLY A 295 25.93 -17.41 11.14
CA GLY A 295 26.43 -18.17 12.27
C GLY A 295 25.86 -19.55 12.51
N ASN A 296 25.97 -19.97 13.73
CA ASN A 296 25.58 -21.25 14.25
C ASN A 296 24.05 -21.33 14.42
N THR A 297 23.28 -21.22 13.34
CA THR A 297 21.82 -21.28 13.42
C THR A 297 21.25 -21.83 12.12
N LYS A 298 20.10 -22.52 12.21
CA LYS A 298 19.40 -22.96 11.02
C LYS A 298 18.34 -21.90 10.81
N THR A 299 18.47 -21.07 9.74
CA THR A 299 17.56 -19.93 9.55
C THR A 299 16.60 -20.16 8.41
N ILE A 300 15.40 -19.63 8.56
CA ILE A 300 14.34 -19.68 7.60
C ILE A 300 13.78 -18.27 7.48
N MET A 301 13.61 -17.82 6.23
CA MET A 301 12.98 -16.56 5.96
C MET A 301 11.63 -16.85 5.33
N ILE A 302 10.57 -16.20 5.81
CA ILE A 302 9.26 -16.33 5.21
C ILE A 302 8.96 -15.00 4.55
N ALA A 303 9.13 -14.91 3.24
CA ALA A 303 8.89 -13.68 2.50
C ALA A 303 7.44 -13.58 2.11
N CYS A 304 6.72 -12.61 2.70
CA CYS A 304 5.31 -12.39 2.45
C CYS A 304 5.11 -11.33 1.40
N VAL A 305 4.25 -11.62 0.41
CA VAL A 305 3.97 -10.73 -0.71
C VAL A 305 2.48 -10.61 -0.92
N SER A 306 2.09 -9.45 -1.43
CA SER A 306 0.71 -9.14 -1.80
C SER A 306 0.48 -9.57 -3.27
N PRO A 307 -0.73 -10.05 -3.62
CA PRO A 307 -0.98 -10.50 -4.99
C PRO A 307 -1.35 -9.41 -6.02
N SER A 308 -1.77 -8.24 -5.53
CA SER A 308 -2.27 -7.19 -6.39
C SER A 308 -1.18 -6.38 -7.14
N SER A 309 -1.54 -5.90 -8.37
CA SER A 309 -0.67 -5.09 -9.23
C SER A 309 -0.37 -3.70 -8.66
N ASP A 310 -1.19 -3.19 -7.73
CA ASP A 310 -0.91 -1.92 -7.04
C ASP A 310 0.35 -2.05 -6.13
N ASN A 311 0.76 -3.28 -5.80
CA ASN A 311 1.90 -3.54 -4.93
C ASN A 311 3.14 -4.06 -5.66
N TYR A 312 3.11 -4.11 -7.02
CA TYR A 312 4.17 -4.58 -7.92
C TYR A 312 5.59 -4.21 -7.46
N ASP A 313 5.84 -2.93 -7.17
CA ASP A 313 7.16 -2.45 -6.79
C ASP A 313 7.62 -3.04 -5.46
N GLU A 314 6.76 -3.05 -4.45
CA GLU A 314 7.11 -3.62 -3.15
C GLU A 314 7.30 -5.13 -3.20
N THR A 315 6.43 -5.83 -3.96
CA THR A 315 6.54 -7.26 -4.16
C THR A 315 7.84 -7.57 -4.90
N LEU A 316 8.18 -6.77 -5.92
CA LEU A 316 9.43 -7.00 -6.68
C LEU A 316 10.63 -6.83 -5.78
N SER A 317 10.60 -5.79 -4.96
CA SER A 317 11.64 -5.50 -3.97
C SER A 317 11.83 -6.66 -2.99
N THR A 318 10.73 -7.22 -2.46
CA THR A 318 10.74 -8.32 -1.48
C THR A 318 11.26 -9.60 -2.09
N LEU A 319 10.86 -9.88 -3.33
CA LEU A 319 11.26 -11.09 -4.03
C LEU A 319 12.75 -11.06 -4.29
N ARG A 320 13.27 -9.91 -4.74
CA ARG A 320 14.69 -9.75 -5.01
C ARG A 320 15.50 -9.89 -3.73
N TYR A 321 15.00 -9.31 -2.63
CA TYR A 321 15.65 -9.32 -1.32
C TYR A 321 15.78 -10.75 -0.74
N ALA A 322 14.67 -11.53 -0.83
CA ALA A 322 14.55 -12.91 -0.40
C ALA A 322 15.38 -13.84 -1.28
N ASN A 323 15.52 -13.53 -2.57
CA ASN A 323 16.32 -14.27 -3.55
C ASN A 323 17.80 -14.18 -3.16
N ARG A 324 18.23 -13.01 -2.67
CA ARG A 324 19.58 -12.76 -2.21
C ARG A 324 19.82 -13.49 -0.86
N ALA A 325 18.79 -13.53 0.03
CA ALA A 325 18.87 -14.22 1.31
C ALA A 325 19.17 -15.75 1.19
N LYS A 326 18.66 -16.41 0.12
CA LYS A 326 18.89 -17.82 -0.21
C LYS A 326 20.37 -18.20 -0.10
N ASN A 327 21.25 -17.26 -0.43
CA ASN A 327 22.69 -17.48 -0.50
C ASN A 327 23.45 -17.17 0.76
N ILE A 328 22.79 -16.93 1.89
CA ILE A 328 23.49 -16.69 3.15
C ILE A 328 23.98 -18.05 3.67
N LYS A 329 25.29 -18.22 3.90
CA LYS A 329 25.81 -19.50 4.37
C LYS A 329 26.08 -19.54 5.86
N ASN A 330 25.20 -20.23 6.61
CA ASN A 330 25.31 -20.45 8.04
C ASN A 330 26.16 -21.70 8.33
N LYS A 331 26.61 -21.86 9.60
CA LYS A 331 27.37 -23.03 10.03
C LYS A 331 26.74 -23.65 11.28
N PRO A 332 25.49 -24.14 11.22
CA PRO A 332 24.89 -24.72 12.44
C PRO A 332 25.51 -26.06 12.89
N THR A 333 25.76 -26.15 14.19
CA THR A 333 26.30 -27.31 14.89
C THR A 333 25.39 -27.61 16.12
N ILE A 334 25.52 -28.83 16.70
CA ILE A 334 24.75 -29.15 17.89
C ILE A 334 25.42 -28.51 19.09
N ASN A 335 24.66 -27.76 19.86
CA ASN A 335 25.18 -27.14 21.07
C ASN A 335 24.91 -28.09 22.25
N GLU A 336 25.78 -29.08 22.44
CA GLU A 336 25.60 -30.06 23.51
C GLU A 336 26.90 -30.32 24.20
N ASP A 337 27.05 -29.78 25.39
CA ASP A 337 28.25 -29.98 26.17
C ASP A 337 28.05 -31.18 27.10
N PRO A 338 29.02 -32.10 27.13
CA PRO A 338 28.91 -33.27 28.02
C PRO A 338 29.60 -33.06 29.37
N LEU A 339 28.83 -32.77 30.45
CA LEU A 339 29.34 -32.61 31.82
C LEU A 339 30.60 -31.75 31.98
N ALA B 2 -16.43 -5.09 -16.08
CA ALA B 2 -16.05 -5.64 -14.78
C ALA B 2 -16.41 -4.67 -13.65
N ALA B 3 -16.82 -5.16 -12.46
CA ALA B 3 -17.18 -4.27 -11.34
C ALA B 3 -15.95 -3.65 -10.69
N GLU B 4 -15.86 -2.34 -10.71
CA GLU B 4 -14.73 -1.61 -10.17
C GLU B 4 -15.20 -0.43 -9.28
N SER B 5 -14.76 -0.41 -8.01
CA SER B 5 -15.11 0.65 -7.09
C SER B 5 -14.25 1.90 -7.36
N VAL B 6 -14.81 3.07 -7.07
CA VAL B 6 -14.12 4.34 -7.25
C VAL B 6 -12.86 4.40 -6.36
N ARG B 7 -11.68 4.70 -6.95
CA ARG B 7 -10.43 4.83 -6.21
C ARG B 7 -10.34 6.18 -5.55
N VAL B 8 -10.24 6.24 -4.21
CA VAL B 8 -10.16 7.53 -3.53
C VAL B 8 -8.82 7.78 -2.86
N ALA B 9 -8.10 8.84 -3.28
CA ALA B 9 -6.83 9.25 -2.67
C ALA B 9 -7.06 10.59 -1.98
N VAL B 10 -6.48 10.75 -0.78
CA VAL B 10 -6.58 12.01 -0.05
C VAL B 10 -5.25 12.75 -0.12
N ARG B 11 -5.28 14.05 -0.40
CA ARG B 11 -4.08 14.86 -0.46
C ARG B 11 -4.19 16.04 0.47
N CYS B 12 -3.22 16.17 1.39
CA CYS B 12 -3.08 17.30 2.30
C CYS B 12 -2.10 18.30 1.68
N ARG B 13 -2.51 19.59 1.55
CA ARG B 13 -1.58 20.58 1.02
C ARG B 13 -0.66 21.02 2.15
N PRO B 14 0.55 21.49 1.81
CA PRO B 14 1.39 22.09 2.85
C PRO B 14 0.69 23.38 3.34
N PHE B 15 1.14 23.95 4.50
CA PHE B 15 0.55 25.19 4.98
C PHE B 15 0.91 26.31 4.01
N ASN B 16 0.05 27.34 3.92
CA ASN B 16 0.36 28.53 3.15
C ASN B 16 1.12 29.55 4.03
N GLN B 17 1.68 30.60 3.44
CA GLN B 17 2.48 31.54 4.20
C GLN B 17 1.73 32.17 5.39
N ARG B 18 0.44 32.47 5.23
CA ARG B 18 -0.34 33.11 6.30
C ARG B 18 -0.54 32.13 7.47
N GLU B 19 -0.78 30.87 7.16
CA GLU B 19 -0.93 29.84 8.19
C GLU B 19 0.37 29.65 8.99
N LYS B 20 1.52 29.70 8.30
CA LYS B 20 2.82 29.61 8.94
C LYS B 20 3.06 30.82 9.80
N ASP B 21 2.68 32.01 9.29
CA ASP B 21 2.81 33.29 9.97
C ASP B 21 2.00 33.34 11.29
N LEU B 22 0.77 32.84 11.25
CA LEU B 22 -0.17 32.80 12.35
C LEU B 22 0.09 31.67 13.37
N ASN B 23 1.05 30.77 13.06
CA ASN B 23 1.44 29.63 13.86
C ASN B 23 0.27 28.69 14.05
N THR B 24 -0.46 28.43 12.96
CA THR B 24 -1.60 27.55 12.91
C THR B 24 -1.17 26.12 13.31
N THR B 25 -2.06 25.40 13.97
CA THR B 25 -1.80 24.05 14.41
C THR B 25 -2.19 23.05 13.31
N LEU B 26 -1.38 22.01 13.19
CA LEU B 26 -1.55 20.90 12.28
C LEU B 26 -2.57 19.95 12.88
N CYS B 27 -3.66 19.67 12.17
CA CYS B 27 -4.67 18.72 12.67
C CYS B 27 -4.84 17.48 11.78
N VAL B 28 -3.96 17.27 10.80
CA VAL B 28 -4.07 16.11 9.92
C VAL B 28 -2.82 15.25 10.07
N GLY B 29 -3.03 13.96 10.18
CA GLY B 29 -1.93 13.01 10.22
C GLY B 29 -2.10 11.98 9.14
N MET B 30 -0.99 11.46 8.62
CA MET B 30 -1.06 10.41 7.64
C MET B 30 -0.10 9.29 7.91
N THR B 31 -0.54 8.07 7.59
CA THR B 31 0.24 6.84 7.66
C THR B 31 0.10 6.37 6.24
N PRO B 32 0.96 6.87 5.34
CA PRO B 32 0.77 6.60 3.90
C PRO B 32 0.90 5.15 3.45
N ASN B 33 1.71 4.32 4.13
CA ASN B 33 1.83 2.91 3.74
C ASN B 33 0.48 2.18 3.79
N VAL B 34 -0.31 2.39 4.87
CA VAL B 34 -1.63 1.77 5.03
C VAL B 34 -2.79 2.66 4.54
N GLY B 35 -2.49 3.78 3.88
CA GLY B 35 -3.49 4.71 3.38
C GLY B 35 -4.32 5.38 4.45
N GLN B 36 -3.77 5.49 5.67
CA GLN B 36 -4.49 6.08 6.79
C GLN B 36 -4.42 7.62 6.86
N VAL B 37 -5.56 8.23 7.18
CA VAL B 37 -5.71 9.68 7.37
C VAL B 37 -6.40 9.92 8.75
N ASN B 38 -5.78 10.68 9.65
CA ASN B 38 -6.41 11.01 10.92
C ASN B 38 -6.62 12.50 11.06
N LEU B 39 -7.77 12.89 11.57
CA LEU B 39 -8.10 14.29 11.81
C LEU B 39 -8.20 14.46 13.33
N ASN B 40 -7.44 15.42 13.92
CA ASN B 40 -7.51 15.62 15.37
C ASN B 40 -8.31 16.85 15.70
N ALA B 41 -9.15 16.74 16.71
CA ALA B 41 -9.90 17.85 17.25
C ALA B 41 -8.94 18.64 18.18
N PRO B 42 -9.27 19.91 18.56
CA PRO B 42 -8.36 20.65 19.46
C PRO B 42 -8.05 19.91 20.76
N ASP B 43 -9.02 19.14 21.29
CA ASP B 43 -8.79 18.41 22.53
C ASP B 43 -7.88 17.15 22.37
N GLY B 44 -7.58 16.75 21.14
CA GLY B 44 -6.69 15.62 20.89
C GLY B 44 -7.37 14.41 20.28
N ALA B 45 -8.70 14.30 20.46
CA ALA B 45 -9.50 13.19 19.94
C ALA B 45 -9.41 13.05 18.40
N ALA B 46 -8.96 11.87 17.93
CA ALA B 46 -8.72 11.55 16.53
C ALA B 46 -9.75 10.66 15.84
N LYS B 47 -10.18 11.08 14.64
CA LYS B 47 -11.10 10.35 13.76
C LYS B 47 -10.23 9.64 12.74
N ASP B 48 -10.44 8.33 12.53
CA ASP B 48 -9.61 7.56 11.61
C ASP B 48 -10.32 7.17 10.35
N PHE B 49 -9.65 7.40 9.22
CA PHE B 49 -10.19 7.02 7.94
C PHE B 49 -9.18 6.19 7.16
N THR B 50 -9.66 5.32 6.27
CA THR B 50 -8.77 4.55 5.40
C THR B 50 -9.07 4.87 3.94
N PHE B 51 -8.05 5.25 3.19
CA PHE B 51 -8.18 5.55 1.78
C PHE B 51 -7.25 4.68 0.92
N ASP B 52 -7.45 4.72 -0.40
CA ASP B 52 -6.60 3.99 -1.33
C ASP B 52 -5.20 4.66 -1.46
N GLY B 53 -5.13 5.96 -1.16
CA GLY B 53 -3.89 6.73 -1.16
C GLY B 53 -3.96 7.83 -0.12
N ALA B 54 -2.84 8.07 0.58
CA ALA B 54 -2.71 9.10 1.58
C ALA B 54 -1.42 9.89 1.26
N TYR B 55 -1.57 11.15 0.77
CA TYR B 55 -0.48 12.01 0.36
C TYR B 55 -0.41 13.21 1.26
N PHE B 56 0.67 13.31 2.05
CA PHE B 56 0.85 14.37 3.02
C PHE B 56 1.45 15.68 2.41
N MET B 57 1.81 16.68 3.24
CA MET B 57 2.36 17.98 2.88
C MET B 57 3.63 17.93 2.06
N ASP B 58 4.35 16.81 2.11
CA ASP B 58 5.59 16.52 1.38
C ASP B 58 5.38 15.85 -0.03
N SER B 59 4.13 15.46 -0.38
CA SER B 59 3.80 14.76 -1.61
C SER B 59 3.90 15.61 -2.87
N THR B 60 4.28 14.97 -3.99
CA THR B 60 4.37 15.65 -5.27
C THR B 60 3.33 15.13 -6.25
N GLY B 61 3.04 15.93 -7.27
CA GLY B 61 2.16 15.57 -8.37
C GLY B 61 2.71 14.38 -9.13
N GLU B 62 4.05 14.30 -9.23
CA GLU B 62 4.79 13.23 -9.88
C GLU B 62 4.44 11.89 -9.25
N GLN B 63 4.56 11.78 -7.90
CA GLN B 63 4.28 10.57 -7.14
C GLN B 63 2.79 10.16 -7.23
N ILE B 64 1.86 11.13 -7.17
CA ILE B 64 0.44 10.84 -7.25
C ILE B 64 0.09 10.33 -8.64
N TYR B 65 0.66 10.97 -9.68
CA TYR B 65 0.42 10.55 -11.04
C TYR B 65 0.98 9.14 -11.28
N ASN B 66 2.25 8.92 -10.93
CA ASN B 66 2.88 7.63 -11.13
C ASN B 66 2.17 6.52 -10.35
N ASP B 67 1.63 6.84 -9.18
CA ASP B 67 0.94 5.86 -8.35
C ASP B 67 -0.41 5.44 -8.91
N ILE B 68 -1.31 6.40 -9.18
CA ILE B 68 -2.67 6.07 -9.54
C ILE B 68 -3.20 6.58 -10.88
N VAL B 69 -2.63 7.66 -11.46
CA VAL B 69 -3.19 8.16 -12.72
C VAL B 69 -2.59 7.44 -13.94
N PHE B 70 -1.28 7.15 -13.94
CA PHE B 70 -0.61 6.38 -14.99
C PHE B 70 -1.38 5.06 -15.35
N PRO B 71 -1.79 4.19 -14.40
CA PRO B 71 -2.52 2.97 -14.78
C PRO B 71 -3.86 3.27 -15.46
N LEU B 72 -4.50 4.40 -15.08
CA LEU B 72 -5.80 4.85 -15.60
C LEU B 72 -5.63 5.40 -17.01
N VAL B 73 -4.55 6.15 -17.24
CA VAL B 73 -4.23 6.71 -18.54
C VAL B 73 -3.88 5.58 -19.50
N GLU B 74 -3.20 4.52 -19.04
CA GLU B 74 -2.94 3.35 -19.89
C GLU B 74 -4.28 2.68 -20.25
N ASN B 75 -5.22 2.61 -19.31
CA ASN B 75 -6.54 2.03 -19.55
C ASN B 75 -7.28 2.86 -20.60
N VAL B 76 -7.13 4.21 -20.59
CA VAL B 76 -7.79 5.05 -21.61
C VAL B 76 -7.18 4.76 -23.00
N ILE B 77 -5.87 4.49 -23.06
CA ILE B 77 -5.23 4.13 -24.34
C ILE B 77 -5.74 2.78 -24.88
N GLU B 78 -6.04 1.84 -23.97
CA GLU B 78 -6.59 0.51 -24.33
C GLU B 78 -8.07 0.55 -24.77
N GLY B 79 -8.78 1.64 -24.50
CA GLY B 79 -10.17 1.80 -24.90
C GLY B 79 -11.15 2.05 -23.78
N TYR B 80 -10.68 2.21 -22.52
CA TYR B 80 -11.61 2.47 -21.41
C TYR B 80 -11.90 3.95 -21.24
N ASN B 81 -13.03 4.30 -20.62
CA ASN B 81 -13.29 5.69 -20.21
C ASN B 81 -12.67 5.86 -18.80
N GLY B 82 -12.02 6.98 -18.54
CA GLY B 82 -11.42 7.25 -17.24
C GLY B 82 -11.77 8.63 -16.73
N THR B 83 -12.03 8.79 -15.45
CA THR B 83 -12.31 10.10 -14.86
C THR B 83 -11.47 10.32 -13.60
N VAL B 84 -10.82 11.48 -13.52
CA VAL B 84 -10.04 11.87 -12.35
C VAL B 84 -10.68 13.17 -11.91
N PHE B 85 -11.27 13.24 -10.70
CA PHE B 85 -11.86 14.50 -10.27
C PHE B 85 -11.35 14.99 -8.90
N ALA B 86 -10.98 16.29 -8.83
CA ALA B 86 -10.48 16.94 -7.63
C ALA B 86 -11.66 17.51 -6.87
N TYR B 87 -11.82 17.07 -5.60
CA TYR B 87 -12.90 17.50 -4.72
C TYR B 87 -12.30 18.11 -3.45
N GLY B 88 -12.94 19.15 -2.91
CA GLY B 88 -12.47 19.77 -1.67
C GLY B 88 -12.86 21.22 -1.53
N GLN B 89 -12.60 21.82 -0.37
CA GLN B 89 -12.93 23.24 -0.14
C GLN B 89 -12.03 24.15 -0.99
N THR B 90 -12.44 25.41 -1.20
CA THR B 90 -11.63 26.38 -1.92
C THR B 90 -10.31 26.59 -1.14
N GLY B 91 -9.20 26.72 -1.85
CA GLY B 91 -7.90 26.85 -1.21
C GLY B 91 -7.35 25.55 -0.67
N SER B 92 -8.00 24.39 -0.95
CA SER B 92 -7.50 23.08 -0.44
C SER B 92 -6.44 22.42 -1.33
N GLY B 93 -6.20 22.96 -2.52
CA GLY B 93 -5.20 22.47 -3.46
C GLY B 93 -5.74 21.68 -4.63
N LYS B 94 -7.03 21.87 -4.99
CA LYS B 94 -7.64 21.14 -6.12
C LYS B 94 -6.96 21.46 -7.43
N THR B 95 -6.76 22.74 -7.70
CA THR B 95 -6.09 23.23 -8.91
C THR B 95 -4.59 22.89 -8.89
N PHE B 96 -3.98 22.87 -7.71
CA PHE B 96 -2.59 22.47 -7.57
C PHE B 96 -2.40 20.98 -7.92
N SER B 97 -3.41 20.14 -7.67
CA SER B 97 -3.31 18.73 -8.00
C SER B 97 -3.70 18.52 -9.47
N MET B 98 -4.76 19.19 -9.93
CA MET B 98 -5.25 19.07 -11.30
C MET B 98 -4.31 19.71 -12.33
N GLN B 99 -4.01 21.00 -12.20
CA GLN B 99 -3.13 21.68 -13.14
C GLN B 99 -1.71 21.73 -12.59
N GLY B 100 -1.58 22.05 -11.32
CA GLY B 100 -0.29 22.12 -10.67
C GLY B 100 0.44 23.39 -11.00
N ILE B 101 1.77 23.34 -10.98
CA ILE B 101 2.62 24.50 -11.28
C ILE B 101 3.77 24.07 -12.18
N GLU B 102 4.35 25.03 -12.87
CA GLU B 102 5.54 24.77 -13.68
C GLU B 102 6.82 25.28 -13.00
N THR B 103 6.72 25.98 -11.86
CA THR B 103 7.86 26.54 -11.14
C THR B 103 8.58 25.52 -10.20
N ILE B 104 7.99 24.32 -9.99
CA ILE B 104 8.57 23.17 -9.25
C ILE B 104 8.21 21.94 -10.13
N PRO B 105 9.23 21.33 -10.80
CA PRO B 105 8.94 20.26 -11.79
C PRO B 105 8.10 19.06 -11.32
N ALA B 106 8.41 18.50 -10.14
CA ALA B 106 7.64 17.37 -9.62
C ALA B 106 6.21 17.76 -9.18
N GLN B 107 5.91 19.06 -9.10
CA GLN B 107 4.59 19.55 -8.75
C GLN B 107 3.74 19.96 -9.95
N ARG B 108 4.09 19.43 -11.15
CA ARG B 108 3.29 19.59 -12.34
C ARG B 108 2.09 18.64 -12.14
N GLY B 109 0.88 19.15 -12.37
CA GLY B 109 -0.36 18.43 -12.09
C GLY B 109 -0.74 17.24 -12.95
N VAL B 110 -1.95 16.69 -12.71
CA VAL B 110 -2.43 15.54 -13.46
C VAL B 110 -2.72 15.88 -14.95
N ILE B 111 -3.47 16.95 -15.24
CA ILE B 111 -3.80 17.35 -16.61
C ILE B 111 -2.55 17.46 -17.51
N PRO B 112 -1.48 18.23 -17.17
CA PRO B 112 -0.28 18.24 -18.05
C PRO B 112 0.45 16.90 -18.13
N ARG B 113 0.46 16.13 -17.04
CA ARG B 113 1.11 14.82 -17.03
C ARG B 113 0.38 13.82 -17.95
N ALA B 114 -0.96 13.92 -18.06
CA ALA B 114 -1.75 13.04 -18.95
C ALA B 114 -1.50 13.38 -20.43
N PHE B 115 -1.22 14.67 -20.73
CA PHE B 115 -0.91 15.08 -22.10
C PHE B 115 0.39 14.40 -22.54
N ASP B 116 1.43 14.54 -21.73
CA ASP B 116 2.73 13.94 -21.97
C ASP B 116 2.66 12.44 -22.12
N HIS B 117 1.95 11.76 -21.18
CA HIS B 117 1.77 10.31 -21.17
C HIS B 117 1.00 9.82 -22.42
N ILE B 118 -0.14 10.45 -22.73
CA ILE B 118 -0.93 10.04 -23.90
C ILE B 118 -0.13 10.13 -25.20
N PHE B 119 0.62 11.22 -25.40
CA PHE B 119 1.39 11.39 -26.63
C PHE B 119 2.67 10.55 -26.69
N THR B 120 3.21 10.16 -25.55
CA THR B 120 4.42 9.35 -25.49
C THR B 120 4.09 7.88 -25.78
N ALA B 121 2.99 7.37 -25.17
CA ALA B 121 2.58 5.98 -25.31
C ALA B 121 2.04 5.68 -26.68
N THR B 122 1.29 6.61 -27.26
CA THR B 122 0.75 6.42 -28.60
C THR B 122 1.85 6.45 -29.65
N ALA B 123 2.94 7.21 -29.42
CA ALA B 123 4.05 7.23 -30.39
C ALA B 123 4.87 5.94 -30.30
N THR B 124 4.97 5.32 -29.10
CA THR B 124 5.69 4.06 -28.97
C THR B 124 4.89 2.89 -29.57
N THR B 125 3.54 2.94 -29.44
CA THR B 125 2.65 1.91 -30.00
C THR B 125 2.67 1.95 -31.54
N GLU B 126 3.55 1.15 -32.15
CA GLU B 126 3.72 1.10 -33.59
C GLU B 126 2.67 0.25 -34.32
N ASN B 127 1.78 -0.45 -33.60
CA ASN B 127 0.76 -1.29 -34.25
C ASN B 127 -0.67 -0.76 -34.11
N VAL B 128 -0.84 0.47 -33.60
CA VAL B 128 -2.16 1.07 -33.46
C VAL B 128 -2.08 2.52 -33.90
N LYS B 129 -2.83 2.92 -34.94
CA LYS B 129 -2.87 4.32 -35.38
C LYS B 129 -3.78 5.10 -34.42
N PHE B 130 -3.37 6.30 -33.96
CA PHE B 130 -4.15 7.06 -32.98
C PHE B 130 -4.62 8.45 -33.39
N LEU B 131 -5.81 8.85 -32.90
CA LEU B 131 -6.38 10.18 -33.10
C LEU B 131 -6.83 10.76 -31.76
N VAL B 132 -6.25 11.90 -31.37
CA VAL B 132 -6.58 12.58 -30.12
C VAL B 132 -7.39 13.86 -30.35
N HIS B 133 -8.47 14.03 -29.59
CA HIS B 133 -9.33 15.21 -29.60
C HIS B 133 -9.44 15.76 -28.17
N CYS B 134 -9.80 17.04 -28.02
CA CYS B 134 -9.93 17.65 -26.70
C CYS B 134 -11.15 18.56 -26.63
N SER B 135 -11.73 18.68 -25.44
CA SER B 135 -12.83 19.60 -25.18
C SER B 135 -12.67 20.15 -23.73
N TYR B 136 -13.28 21.32 -23.45
CA TYR B 136 -13.12 21.97 -22.16
C TYR B 136 -14.38 22.75 -21.85
N LEU B 137 -15.10 22.36 -20.80
CA LEU B 137 -16.34 23.07 -20.46
C LEU B 137 -16.35 23.57 -19.04
N GLU B 138 -17.07 24.66 -18.80
CA GLU B 138 -17.19 25.21 -17.45
C GLU B 138 -18.66 25.31 -17.06
N ILE B 139 -18.99 24.94 -15.82
CA ILE B 139 -20.36 25.00 -15.31
C ILE B 139 -20.47 25.94 -14.10
N TYR B 140 -21.06 27.12 -14.32
CA TYR B 140 -21.31 28.07 -13.24
C TYR B 140 -22.79 28.38 -13.27
N ASN B 141 -23.46 28.41 -12.10
CA ASN B 141 -24.90 28.69 -11.96
C ASN B 141 -25.78 27.91 -12.99
N GLU B 142 -25.49 26.60 -13.14
CA GLU B 142 -26.19 25.68 -14.03
C GLU B 142 -26.14 26.09 -15.51
N GLU B 143 -25.03 26.71 -15.91
CA GLU B 143 -24.86 27.14 -17.29
C GLU B 143 -23.55 26.55 -17.85
N VAL B 144 -23.70 25.48 -18.65
CA VAL B 144 -22.58 24.82 -19.28
C VAL B 144 -22.15 25.67 -20.46
N ARG B 145 -20.87 26.02 -20.52
CA ARG B 145 -20.35 26.83 -21.61
C ARG B 145 -19.03 26.25 -22.09
N ASP B 146 -18.74 26.42 -23.36
CA ASP B 146 -17.51 25.93 -23.97
C ASP B 146 -16.39 26.95 -23.82
N LEU B 147 -15.31 26.58 -23.14
CA LEU B 147 -14.15 27.45 -23.00
C LEU B 147 -13.27 27.48 -24.27
N LEU B 148 -13.56 26.63 -25.26
CA LEU B 148 -12.78 26.58 -26.49
C LEU B 148 -13.62 26.83 -27.77
N GLY B 149 -14.76 27.48 -27.61
CA GLY B 149 -15.66 27.75 -28.72
C GLY B 149 -15.52 29.15 -29.26
N ALA B 150 -16.13 29.43 -30.42
CA ALA B 150 -16.07 30.75 -31.01
C ALA B 150 -16.86 31.73 -30.08
N ASP B 151 -18.20 31.55 -29.91
CA ASP B 151 -18.92 32.36 -28.94
C ASP B 151 -18.86 31.54 -27.67
N ASN B 152 -17.78 31.71 -26.91
CA ASN B 152 -17.50 31.00 -25.67
C ASN B 152 -18.42 31.41 -24.51
N LYS B 153 -19.09 32.57 -24.62
CA LYS B 153 -19.99 33.06 -23.59
C LYS B 153 -21.44 32.66 -23.91
N GLN B 154 -21.64 31.46 -24.46
CA GLN B 154 -22.97 30.97 -24.84
C GLN B 154 -23.36 29.82 -23.93
N LYS B 155 -24.66 29.74 -23.59
CA LYS B 155 -25.16 28.66 -22.76
C LYS B 155 -25.58 27.48 -23.64
N LEU B 156 -24.82 26.38 -23.59
CA LEU B 156 -25.13 25.17 -24.35
C LEU B 156 -26.12 24.27 -23.60
N GLU B 157 -26.86 23.42 -24.33
CA GLU B 157 -27.82 22.51 -23.73
C GLU B 157 -27.26 21.07 -23.57
N ILE B 158 -27.93 20.22 -22.76
CA ILE B 158 -27.50 18.84 -22.57
C ILE B 158 -28.48 17.88 -23.27
N LYS B 159 -27.97 16.84 -23.94
CA LYS B 159 -28.84 15.88 -24.64
C LYS B 159 -28.39 14.42 -24.46
N GLU B 160 -29.31 13.45 -24.73
CA GLU B 160 -29.04 12.02 -24.62
C GLU B 160 -30.08 11.22 -25.42
N GLY B 165 -25.22 8.69 -26.06
CA GLY B 165 -25.10 8.88 -24.62
C GLY B 165 -25.30 10.32 -24.18
N VAL B 166 -24.82 10.67 -22.99
CA VAL B 166 -24.96 12.04 -22.48
C VAL B 166 -23.87 12.92 -23.08
N TYR B 167 -24.24 14.10 -23.59
CA TYR B 167 -23.29 15.00 -24.22
C TYR B 167 -23.76 16.44 -24.23
N VAL B 168 -22.83 17.38 -24.42
CA VAL B 168 -23.17 18.79 -24.55
C VAL B 168 -23.27 19.03 -26.06
N ALA B 169 -24.41 19.56 -26.53
CA ALA B 169 -24.59 19.80 -27.97
C ALA B 169 -23.90 21.11 -28.36
N GLY B 170 -23.16 21.06 -29.47
CA GLY B 170 -22.41 22.22 -29.92
C GLY B 170 -21.11 22.41 -29.15
N LEU B 171 -20.61 21.36 -28.47
CA LEU B 171 -19.36 21.42 -27.73
C LEU B 171 -18.23 21.17 -28.71
N SER B 172 -17.35 22.15 -28.91
CA SER B 172 -16.25 22.03 -29.87
C SER B 172 -15.18 21.02 -29.50
N MET B 173 -14.87 20.14 -30.46
CA MET B 173 -13.84 19.12 -30.34
C MET B 173 -12.61 19.60 -31.09
N HIS B 174 -11.42 19.47 -30.50
CA HIS B 174 -10.20 19.94 -31.15
C HIS B 174 -9.17 18.85 -31.31
N VAL B 175 -8.83 18.52 -32.56
CA VAL B 175 -7.80 17.54 -32.83
C VAL B 175 -6.43 18.06 -32.30
N CYS B 176 -5.70 17.18 -31.61
CA CYS B 176 -4.40 17.51 -31.06
C CYS B 176 -3.40 16.50 -31.62
N HIS B 177 -2.40 16.98 -32.33
CA HIS B 177 -1.37 16.12 -32.94
C HIS B 177 -0.11 15.98 -32.07
N ASP B 178 -0.01 16.76 -30.99
CA ASP B 178 1.12 16.77 -30.08
C ASP B 178 0.73 17.44 -28.76
N VAL B 179 1.61 17.35 -27.77
CA VAL B 179 1.37 17.98 -26.47
C VAL B 179 1.17 19.52 -26.59
N PRO B 180 1.99 20.30 -27.34
CA PRO B 180 1.73 21.77 -27.45
C PRO B 180 0.29 22.21 -27.72
N ALA B 181 -0.42 21.50 -28.63
CA ALA B 181 -1.82 21.78 -28.98
C ALA B 181 -2.79 21.52 -27.79
N CYS B 182 -2.41 20.65 -26.86
CA CYS B 182 -3.20 20.39 -25.65
C CYS B 182 -2.98 21.57 -24.68
N LYS B 183 -1.71 21.98 -24.50
CA LYS B 183 -1.33 23.08 -23.62
C LYS B 183 -1.93 24.40 -24.09
N GLU B 184 -2.12 24.57 -25.42
CA GLU B 184 -2.72 25.75 -26.01
C GLU B 184 -4.20 25.87 -25.64
N LEU B 185 -4.98 24.77 -25.73
CA LEU B 185 -6.39 24.80 -25.31
C LEU B 185 -6.51 25.05 -23.78
N MET B 186 -5.52 24.60 -23.00
CA MET B 186 -5.50 24.81 -21.55
C MET B 186 -5.39 26.31 -21.23
N THR B 187 -4.43 27.00 -21.90
CA THR B 187 -4.18 28.44 -21.77
C THR B 187 -5.40 29.24 -22.25
N ARG B 188 -6.00 28.81 -23.37
CA ARG B 188 -7.15 29.50 -23.94
C ARG B 188 -8.38 29.39 -23.05
N GLY B 189 -8.58 28.23 -22.45
CA GLY B 189 -9.70 27.99 -21.55
C GLY B 189 -9.73 28.88 -20.32
N PHE B 190 -8.56 29.28 -19.80
CA PHE B 190 -8.49 30.16 -18.63
C PHE B 190 -8.93 31.58 -18.97
N ASN B 191 -8.60 32.04 -20.18
CA ASN B 191 -8.93 33.38 -20.68
C ASN B 191 -10.39 33.52 -21.08
N ASN B 192 -11.02 32.44 -21.56
CA ASN B 192 -12.44 32.46 -21.91
C ASN B 192 -13.32 32.05 -20.71
N ARG B 193 -12.79 32.08 -19.47
CA ARG B 193 -13.55 31.69 -18.28
C ARG B 193 -14.52 32.75 -17.84
N HIS B 194 -15.73 32.35 -17.43
CA HIS B 194 -16.74 33.30 -17.00
C HIS B 194 -16.40 33.83 -15.64
N VAL B 195 -16.48 35.14 -15.48
CA VAL B 195 -16.16 35.78 -14.21
C VAL B 195 -17.37 36.63 -13.75
N GLY B 196 -17.79 37.60 -14.55
CA GLY B 196 -18.90 38.48 -14.20
C GLY B 196 -20.25 37.95 -14.61
N MET B 200 -16.39 39.18 -9.39
CA MET B 200 -17.53 38.49 -8.80
C MET B 200 -17.22 37.02 -8.57
N ASN B 201 -16.77 36.30 -9.63
CA ASN B 201 -16.40 34.89 -9.57
C ASN B 201 -15.08 34.67 -10.34
N LYS B 202 -14.08 35.51 -10.03
CA LYS B 202 -12.76 35.54 -10.67
C LYS B 202 -11.90 34.28 -10.45
N ASP B 203 -11.59 33.91 -9.19
CA ASP B 203 -10.75 32.75 -8.88
C ASP B 203 -11.36 31.39 -9.25
N SER B 204 -12.54 31.39 -9.93
CA SER B 204 -13.30 30.22 -10.37
C SER B 204 -13.64 29.26 -9.24
N SER B 205 -13.85 29.79 -8.04
CA SER B 205 -14.20 28.97 -6.87
C SER B 205 -15.64 28.48 -6.89
N ARG B 206 -16.53 29.20 -7.60
CA ARG B 206 -17.93 28.80 -7.69
C ARG B 206 -18.23 28.00 -8.98
N SER B 207 -17.20 27.61 -9.77
CA SER B 207 -17.45 26.90 -11.02
C SER B 207 -16.66 25.60 -11.19
N HIS B 208 -17.31 24.62 -11.87
CA HIS B 208 -16.78 23.30 -12.21
C HIS B 208 -16.12 23.35 -13.59
N SER B 209 -15.13 22.49 -13.83
CA SER B 209 -14.51 22.44 -15.15
C SER B 209 -14.02 21.03 -15.54
N ILE B 210 -14.55 20.56 -16.68
CA ILE B 210 -14.22 19.27 -17.25
C ILE B 210 -13.39 19.47 -18.49
N PHE B 211 -12.18 18.91 -18.52
CA PHE B 211 -11.35 18.94 -19.71
C PHE B 211 -11.33 17.48 -20.18
N THR B 212 -11.88 17.19 -21.37
CA THR B 212 -11.92 15.82 -21.85
C THR B 212 -10.86 15.53 -22.91
N VAL B 213 -10.20 14.37 -22.87
CA VAL B 213 -9.25 13.95 -23.89
C VAL B 213 -9.81 12.67 -24.48
N TYR B 214 -10.03 12.66 -25.79
CA TYR B 214 -10.56 11.48 -26.49
C TYR B 214 -9.37 10.85 -27.20
N VAL B 215 -9.18 9.54 -27.03
CA VAL B 215 -8.09 8.80 -27.63
C VAL B 215 -8.72 7.69 -28.47
N GLU B 216 -8.64 7.81 -29.80
CA GLU B 216 -9.24 6.84 -30.67
C GLU B 216 -8.14 6.03 -31.35
N GLY B 217 -8.16 4.72 -31.18
CA GLY B 217 -7.14 3.86 -31.75
C GLY B 217 -7.65 2.92 -32.82
N MET B 218 -6.86 2.71 -33.87
CA MET B 218 -7.16 1.82 -34.96
C MET B 218 -6.06 0.77 -35.02
N THR B 219 -6.34 -0.42 -34.55
CA THR B 219 -5.40 -1.53 -34.49
C THR B 219 -5.18 -2.17 -35.86
N GLU B 220 -4.15 -3.03 -36.01
CA GLU B 220 -3.94 -3.75 -37.28
C GLU B 220 -4.98 -4.86 -37.54
N THR B 221 -5.94 -5.06 -36.65
CA THR B 221 -7.00 -6.05 -36.84
C THR B 221 -8.32 -5.37 -37.34
N GLY B 222 -8.24 -4.11 -37.78
CA GLY B 222 -9.39 -3.35 -38.23
C GLY B 222 -9.95 -2.52 -37.10
N SER B 223 -10.50 -3.21 -36.08
CA SER B 223 -11.15 -2.71 -34.86
C SER B 223 -10.74 -1.32 -34.39
N ILE B 224 -11.70 -0.59 -33.80
CA ILE B 224 -11.47 0.76 -33.29
C ILE B 224 -11.80 0.88 -31.79
N ARG B 225 -10.85 1.34 -30.98
CA ARG B 225 -11.13 1.59 -29.56
C ARG B 225 -11.36 3.08 -29.29
N MET B 226 -12.20 3.38 -28.32
CA MET B 226 -12.55 4.76 -28.00
C MET B 226 -12.42 5.04 -26.53
N GLY B 227 -11.29 5.61 -26.16
CA GLY B 227 -11.01 5.97 -24.78
C GLY B 227 -11.40 7.41 -24.52
N LYS B 228 -11.88 7.71 -23.31
CA LYS B 228 -12.25 9.09 -23.00
C LYS B 228 -11.87 9.46 -21.54
N LEU B 229 -10.88 10.34 -21.41
CA LEU B 229 -10.39 10.83 -20.11
C LEU B 229 -11.06 12.15 -19.68
N ASN B 230 -11.84 12.14 -18.60
CA ASN B 230 -12.46 13.36 -18.07
C ASN B 230 -11.64 13.88 -16.87
N LEU B 231 -10.99 15.04 -17.03
CA LEU B 231 -10.20 15.63 -15.95
C LEU B 231 -10.99 16.75 -15.25
N VAL B 232 -11.60 16.44 -14.10
CA VAL B 232 -12.53 17.35 -13.44
C VAL B 232 -11.91 18.16 -12.27
N ASP B 233 -12.09 19.47 -12.34
CA ASP B 233 -11.67 20.43 -11.35
C ASP B 233 -12.99 20.98 -10.84
N LEU B 234 -13.54 20.39 -9.80
CA LEU B 234 -14.81 20.78 -9.24
C LEU B 234 -14.76 22.12 -8.55
N ALA B 235 -15.93 22.75 -8.39
CA ALA B 235 -16.02 24.01 -7.65
C ALA B 235 -15.78 23.74 -6.14
N GLY B 236 -15.48 24.79 -5.36
CA GLY B 236 -15.27 24.71 -3.91
C GLY B 236 -16.39 23.96 -3.22
N SER B 237 -16.04 22.98 -2.37
CA SER B 237 -17.02 22.12 -1.72
C SER B 237 -17.77 22.77 -0.55
N GLU B 238 -17.36 23.96 -0.12
CA GLU B 238 -17.99 24.63 1.02
C GLU B 238 -19.41 25.13 0.70
N ARG B 239 -20.20 25.41 1.76
CA ARG B 239 -21.58 25.86 1.64
C ARG B 239 -21.67 27.31 1.15
N LYS B 255 -33.94 27.88 -5.59
CA LYS B 255 -33.85 27.44 -6.98
C LYS B 255 -32.44 27.00 -7.38
N ILE B 256 -31.41 27.51 -6.68
CA ILE B 256 -30.02 27.18 -6.97
C ILE B 256 -29.30 26.53 -5.73
N ASN B 257 -27.95 26.35 -5.78
CA ASN B 257 -27.06 25.69 -4.81
C ASN B 257 -26.97 24.18 -5.06
N LEU B 258 -27.89 23.61 -5.88
CA LEU B 258 -27.91 22.20 -6.25
C LEU B 258 -26.72 21.79 -7.14
N SER B 259 -25.75 22.69 -7.36
CA SER B 259 -24.56 22.43 -8.18
C SER B 259 -23.75 21.27 -7.58
N LEU B 260 -23.25 21.45 -6.34
CA LEU B 260 -22.49 20.44 -5.59
C LEU B 260 -23.38 19.65 -4.61
N SER B 261 -24.62 20.14 -4.35
CA SER B 261 -25.60 19.45 -3.50
C SER B 261 -26.01 18.14 -4.17
N ALA B 262 -26.18 18.16 -5.51
CA ALA B 262 -26.53 16.98 -6.29
C ALA B 262 -25.39 15.98 -6.29
N LEU B 263 -24.13 16.44 -6.28
CA LEU B 263 -22.99 15.53 -6.21
C LEU B 263 -23.02 14.68 -4.94
N GLY B 264 -23.47 15.26 -3.84
CA GLY B 264 -23.61 14.55 -2.58
C GLY B 264 -24.81 13.64 -2.60
N ASN B 265 -25.94 14.13 -3.13
CA ASN B 265 -27.16 13.35 -3.25
C ASN B 265 -26.96 12.12 -4.15
N VAL B 266 -26.06 12.22 -5.16
CA VAL B 266 -25.74 11.16 -6.12
C VAL B 266 -24.83 10.12 -5.48
N ILE B 267 -23.72 10.57 -4.85
CA ILE B 267 -22.79 9.67 -4.16
C ILE B 267 -23.52 8.90 -3.05
N SER B 268 -24.41 9.58 -2.33
CA SER B 268 -25.20 8.93 -1.28
C SER B 268 -26.10 7.85 -1.86
N ALA B 269 -26.87 8.15 -2.92
CA ALA B 269 -27.76 7.18 -3.55
C ALA B 269 -27.01 6.01 -4.18
N LEU B 270 -25.80 6.24 -4.68
CA LEU B 270 -25.01 5.19 -5.30
C LEU B 270 -24.49 4.18 -4.28
N VAL B 271 -24.27 4.59 -3.02
CA VAL B 271 -23.71 3.73 -1.98
C VAL B 271 -24.70 3.28 -0.91
N ASP B 272 -25.93 3.84 -0.91
CA ASP B 272 -26.96 3.53 0.08
C ASP B 272 -27.58 2.12 -0.06
N GLY B 273 -27.34 1.45 -1.19
CA GLY B 273 -27.85 0.10 -1.45
C GLY B 273 -29.35 -0.05 -1.39
N LYS B 274 -30.09 1.00 -1.76
CA LYS B 274 -31.56 0.99 -1.74
C LYS B 274 -32.09 1.74 -2.97
N SER B 275 -31.47 2.89 -3.28
CA SER B 275 -31.84 3.75 -4.39
C SER B 275 -31.56 3.13 -5.75
N LYS B 276 -32.63 2.83 -6.47
CA LYS B 276 -32.59 2.34 -7.86
C LYS B 276 -32.58 3.56 -8.83
N HIS B 277 -33.20 4.67 -8.39
CA HIS B 277 -33.39 5.95 -9.06
C HIS B 277 -32.41 6.97 -8.51
N ILE B 278 -31.18 7.02 -9.07
CA ILE B 278 -30.10 7.95 -8.66
C ILE B 278 -30.44 9.34 -9.21
N PRO B 279 -30.31 10.44 -8.42
CA PRO B 279 -30.70 11.76 -8.95
C PRO B 279 -29.61 12.53 -9.70
N TYR B 280 -29.15 12.00 -10.85
CA TYR B 280 -28.19 12.71 -11.69
C TYR B 280 -28.83 13.98 -12.29
N ARG B 281 -30.17 13.97 -12.48
CA ARG B 281 -30.94 15.07 -13.04
C ARG B 281 -31.24 16.20 -12.02
N ASP B 282 -30.40 16.33 -11.00
CA ASP B 282 -30.51 17.38 -9.97
C ASP B 282 -29.56 18.54 -10.34
N SER B 283 -28.38 18.22 -10.87
CA SER B 283 -27.45 19.22 -11.37
C SER B 283 -26.99 18.86 -12.79
N LYS B 284 -26.43 19.83 -13.50
CA LYS B 284 -25.90 19.61 -14.84
C LYS B 284 -24.59 18.82 -14.75
N LEU B 285 -23.79 19.05 -13.68
CA LEU B 285 -22.53 18.36 -13.40
C LEU B 285 -22.77 16.83 -13.26
N THR B 286 -23.74 16.43 -12.42
CA THR B 286 -24.06 15.02 -12.21
C THR B 286 -24.62 14.36 -13.47
N ARG B 287 -25.35 15.12 -14.30
CA ARG B 287 -25.86 14.57 -15.56
C ARG B 287 -24.67 14.35 -16.52
N LEU B 288 -23.71 15.29 -16.55
CA LEU B 288 -22.53 15.17 -17.40
C LEU B 288 -21.58 14.07 -17.02
N LEU B 289 -21.37 13.86 -15.69
CA LEU B 289 -20.50 12.83 -15.13
C LEU B 289 -21.29 11.59 -14.66
N GLN B 290 -22.48 11.37 -15.20
CA GLN B 290 -23.34 10.25 -14.87
C GLN B 290 -22.63 8.91 -15.04
N ASP B 291 -21.93 8.75 -16.16
CA ASP B 291 -21.20 7.54 -16.49
C ASP B 291 -19.98 7.32 -15.60
N SER B 292 -19.36 8.40 -15.12
CA SER B 292 -18.21 8.27 -14.23
C SER B 292 -18.65 7.84 -12.80
N LEU B 293 -19.86 8.23 -12.39
CA LEU B 293 -20.39 7.88 -11.08
C LEU B 293 -21.43 6.77 -11.20
N GLY B 294 -20.96 5.54 -11.26
CA GLY B 294 -21.83 4.37 -11.36
C GLY B 294 -21.94 3.73 -12.73
N GLY B 295 -21.16 4.18 -13.72
CA GLY B 295 -21.26 3.62 -15.07
C GLY B 295 -20.02 2.97 -15.65
N ASN B 296 -19.89 3.03 -16.97
CA ASN B 296 -18.80 2.48 -17.76
C ASN B 296 -17.51 3.35 -17.72
N THR B 297 -16.94 3.59 -16.51
CA THR B 297 -15.73 4.43 -16.37
C THR B 297 -14.84 3.96 -15.21
N LYS B 298 -13.53 4.12 -15.32
CA LYS B 298 -12.64 3.86 -14.20
C LYS B 298 -12.44 5.22 -13.56
N THR B 299 -12.95 5.43 -12.34
CA THR B 299 -12.93 6.76 -11.72
C THR B 299 -12.03 6.85 -10.49
N ILE B 300 -11.23 7.93 -10.42
CA ILE B 300 -10.34 8.28 -9.32
C ILE B 300 -10.84 9.60 -8.73
N MET B 301 -10.99 9.65 -7.42
CA MET B 301 -11.34 10.89 -6.74
C MET B 301 -10.12 11.31 -5.97
N ILE B 302 -9.66 12.54 -6.17
CA ILE B 302 -8.55 13.12 -5.39
C ILE B 302 -9.16 14.13 -4.43
N ALA B 303 -9.33 13.77 -3.16
CA ALA B 303 -9.91 14.63 -2.12
C ALA B 303 -8.83 15.53 -1.51
N CYS B 304 -8.96 16.84 -1.67
CA CYS B 304 -7.95 17.76 -1.16
C CYS B 304 -8.32 18.36 0.18
N VAL B 305 -7.34 18.37 1.09
CA VAL B 305 -7.57 18.84 2.44
C VAL B 305 -6.48 19.76 2.86
N SER B 306 -6.85 20.71 3.71
CA SER B 306 -5.94 21.65 4.34
C SER B 306 -5.37 21.00 5.61
N PRO B 307 -4.14 21.35 6.01
CA PRO B 307 -3.59 20.82 7.28
C PRO B 307 -4.00 21.57 8.55
N SER B 308 -4.53 22.76 8.36
CA SER B 308 -4.85 23.75 9.36
C SER B 308 -6.05 23.43 10.22
N SER B 309 -5.91 23.59 11.54
CA SER B 309 -6.99 23.42 12.52
C SER B 309 -8.13 24.44 12.33
N ASP B 310 -7.84 25.59 11.69
CA ASP B 310 -8.90 26.56 11.37
C ASP B 310 -9.86 25.91 10.31
N ASN B 311 -9.40 24.93 9.51
CA ASN B 311 -10.20 24.28 8.48
C ASN B 311 -10.69 22.88 8.85
N TYR B 312 -10.88 22.60 10.13
CA TYR B 312 -11.32 21.30 10.64
C TYR B 312 -12.71 20.86 10.12
N ASP B 313 -13.73 21.73 10.28
CA ASP B 313 -15.10 21.43 9.88
C ASP B 313 -15.19 21.05 8.40
N GLU B 314 -14.48 21.79 7.54
CA GLU B 314 -14.51 21.50 6.11
C GLU B 314 -13.72 20.22 5.78
N THR B 315 -12.58 20.02 6.44
CA THR B 315 -11.77 18.81 6.24
C THR B 315 -12.55 17.56 6.64
N LEU B 316 -13.31 17.64 7.71
CA LEU B 316 -14.12 16.50 8.17
C LEU B 316 -15.19 16.18 7.12
N SER B 317 -15.83 17.22 6.57
CA SER B 317 -16.85 17.07 5.53
C SER B 317 -16.26 16.45 4.24
N THR B 318 -14.99 16.76 3.94
CA THR B 318 -14.30 16.27 2.76
C THR B 318 -13.89 14.80 2.95
N LEU B 319 -13.24 14.48 4.09
CA LEU B 319 -12.84 13.10 4.39
C LEU B 319 -14.04 12.16 4.41
N ARG B 320 -15.20 12.64 4.95
CA ARG B 320 -16.44 11.86 5.01
C ARG B 320 -17.06 11.65 3.65
N TYR B 321 -16.98 12.65 2.74
CA TYR B 321 -17.50 12.48 1.39
C TYR B 321 -16.61 11.56 0.55
N ALA B 322 -15.29 11.66 0.74
CA ALA B 322 -14.29 10.82 0.10
C ALA B 322 -14.41 9.35 0.57
N ASN B 323 -14.82 9.15 1.83
CA ASN B 323 -15.01 7.85 2.45
C ASN B 323 -16.24 7.17 1.83
N ARG B 324 -17.34 7.93 1.62
CA ARG B 324 -18.53 7.37 0.98
C ARG B 324 -18.22 7.02 -0.49
N ALA B 325 -17.42 7.87 -1.16
CA ALA B 325 -17.04 7.73 -2.56
C ALA B 325 -16.29 6.45 -2.88
N LYS B 326 -15.57 5.91 -1.89
CA LYS B 326 -14.82 4.66 -1.96
C LYS B 326 -15.71 3.51 -2.40
N ASN B 327 -16.99 3.52 -1.97
CA ASN B 327 -17.91 2.44 -2.23
C ASN B 327 -18.75 2.56 -3.48
N ILE B 328 -18.54 3.58 -4.33
CA ILE B 328 -19.29 3.69 -5.57
C ILE B 328 -18.83 2.58 -6.52
N LYS B 329 -19.79 1.76 -7.06
CA LYS B 329 -19.49 0.68 -7.99
C LYS B 329 -19.75 1.05 -9.46
N ASN B 330 -18.68 1.03 -10.21
CA ASN B 330 -18.73 1.28 -11.64
C ASN B 330 -18.62 -0.06 -12.36
N LYS B 331 -19.06 -0.10 -13.61
CA LYS B 331 -18.95 -1.31 -14.43
C LYS B 331 -18.15 -0.99 -15.71
N PRO B 332 -16.85 -0.59 -15.61
CA PRO B 332 -16.10 -0.28 -16.82
C PRO B 332 -15.71 -1.49 -17.66
N THR B 333 -15.67 -1.27 -18.99
CA THR B 333 -15.34 -2.23 -20.05
C THR B 333 -14.61 -1.50 -21.17
N ILE B 334 -13.87 -2.24 -22.02
CA ILE B 334 -13.20 -1.63 -23.16
C ILE B 334 -14.26 -1.23 -24.19
N ASN B 335 -14.17 -0.01 -24.72
CA ASN B 335 -15.08 0.46 -25.76
C ASN B 335 -14.41 0.18 -27.10
N GLU B 336 -14.39 -1.09 -27.53
CA GLU B 336 -13.75 -1.46 -28.78
C GLU B 336 -14.79 -2.06 -29.69
N ASP B 337 -14.99 -1.44 -30.85
CA ASP B 337 -15.99 -1.91 -31.79
C ASP B 337 -15.39 -2.63 -33.00
N PRO B 338 -15.99 -3.77 -33.37
CA PRO B 338 -15.51 -4.51 -34.55
C PRO B 338 -16.09 -3.96 -35.86
C1 GOL C . 14.28 -27.30 8.04
O1 GOL C . 13.24 -26.51 7.48
C2 GOL C . 15.51 -26.47 8.37
O2 GOL C . 16.56 -27.33 8.79
C3 GOL C . 15.95 -25.64 7.19
O3 GOL C . 16.96 -24.70 7.56
S SO4 D . 1.60 -7.73 8.03
O1 SO4 D . 1.09 -6.34 8.23
O2 SO4 D . 0.52 -8.48 7.35
O3 SO4 D . 2.90 -7.70 7.28
O4 SO4 D . 1.80 -8.42 9.30
C1 GOL E . -6.05 2.86 -11.54
O1 GOL E . -5.47 4.03 -10.99
C2 GOL E . -7.53 3.02 -11.79
O2 GOL E . -7.98 1.95 -12.63
C3 GOL E . -8.29 3.02 -10.48
O3 GOL E . -9.69 3.28 -10.64
S SO4 F . -8.36 24.97 -4.84
O1 SO4 F . -8.93 23.89 -4.05
O2 SO4 F . -9.24 26.14 -4.63
O3 SO4 F . -8.28 24.63 -6.24
O4 SO4 F . -6.95 25.21 -4.47
#